data_4ZTK
#
_entry.id   4ZTK
#
_cell.length_a   47.376
_cell.length_b   72.057
_cell.length_c   75.456
_cell.angle_alpha   90.000
_cell.angle_beta   90.000
_cell.angle_gamma   90.000
#
_symmetry.space_group_name_H-M   'P 21 21 21'
#
loop_
_entity.id
_entity.type
_entity.pdbx_description
1 polymer 'Cell division protein FtsI/penicillin binding protein 2'
2 non-polymer '2-[N-CYCLOHEXYLAMINO]ETHANE SULFONIC ACID'
3 water water
#
_entity_poly.entity_id   1
_entity_poly.type   'polypeptide(L)'
_entity_poly.pdbx_seq_one_letter_code
;SNAAGSLTSSRAKEVDISHLDPR(MSE)QQIVEKQITTAVKQYHAKSGVIAIADPQTGNIIAFAESSKNKGLESWKSRIF
SPGSTIKPFIAAAAINSGNSSETKNYDCHSPYYIAGKTFTNYNSNVESASLADAIAKSINVCLIRVSQEAGVPVIRKKLT
EFGFD(MSE)NSWWQADQSDDLQLA(MSE)AALGENIPVTIESLIKSYAILANKGHSFDRGNSAIISETSTNSINH
(MSE)LENAVTNGTGKLAVIPGVSVAGKTGTVIENNDKYLALFAGYVPADNPRYVLLVVIEEGYFSKNGKTLVSGGELAA
PVFRNVA(MSE)DALSSANR
;
_entity_poly.pdbx_strand_id   A
#
loop_
_chem_comp.id
_chem_comp.type
_chem_comp.name
_chem_comp.formula
NHE non-polymer '2-[N-CYCLOHEXYLAMINO]ETHANE SULFONIC ACID' 'C8 H17 N O3 S'
#
# COMPACT_ATOMS: atom_id res chain seq x y z
N GLU A 14 18.79 -0.83 0.12
CA GLU A 14 18.30 0.18 -0.81
C GLU A 14 17.60 -0.43 -2.02
N VAL A 15 16.69 0.33 -2.62
CA VAL A 15 15.87 -0.14 -3.73
C VAL A 15 16.70 -0.44 -4.99
N ASP A 16 16.33 -1.50 -5.70
CA ASP A 16 16.96 -1.85 -6.97
C ASP A 16 16.57 -0.80 -8.02
N ILE A 17 17.53 -0.41 -8.85
CA ILE A 17 17.33 0.69 -9.80
C ILE A 17 17.57 0.31 -11.26
N SER A 18 17.76 -0.98 -11.52
CA SER A 18 18.20 -1.43 -12.84
C SER A 18 17.10 -1.46 -13.92
N HIS A 19 15.88 -1.80 -13.54
CA HIS A 19 14.81 -2.01 -14.51
C HIS A 19 14.03 -0.74 -14.85
N LEU A 20 14.59 0.42 -14.51
CA LEU A 20 13.90 1.69 -14.65
C LEU A 20 13.47 2.03 -16.08
N ASP A 21 12.24 2.54 -16.21
CA ASP A 21 11.72 3.00 -17.50
C ASP A 21 11.64 4.53 -17.53
N PRO A 22 12.44 5.15 -18.42
CA PRO A 22 12.58 6.60 -18.54
C PRO A 22 11.26 7.36 -18.71
N ARG A 23 10.30 6.79 -19.42
CA ARG A 23 8.99 7.42 -19.56
C ARG A 23 8.24 7.44 -18.24
N MSE A 24 8.25 6.32 -17.52
CA MSE A 24 7.58 6.24 -16.23
C MSE A 24 8.29 7.11 -15.21
O MSE A 24 7.64 7.77 -14.40
CB MSE A 24 7.54 4.79 -15.73
CG MSE A 24 6.61 3.86 -16.49
SE MSE A 24 4.75 4.46 -16.57
CE MSE A 24 4.52 5.13 -14.75
N GLN A 25 9.62 7.11 -15.26
CA GLN A 25 10.43 7.88 -14.32
C GLN A 25 10.12 9.37 -14.39
N GLN A 26 10.02 9.88 -15.60
CA GLN A 26 9.74 11.30 -15.80
C GLN A 26 8.35 11.67 -15.29
N ILE A 27 7.38 10.79 -15.51
CA ILE A 27 6.03 10.97 -14.97
C ILE A 27 6.03 11.12 -13.44
N VAL A 28 6.65 10.16 -12.75
CA VAL A 28 6.60 10.19 -11.28
C VAL A 28 7.44 11.35 -10.73
N GLU A 29 8.48 11.71 -11.45
CA GLU A 29 9.31 12.86 -11.07
C GLU A 29 8.52 14.16 -11.06
N LYS A 30 7.72 14.41 -12.10
CA LYS A 30 6.87 15.60 -12.14
C LYS A 30 5.79 15.57 -11.06
N GLN A 31 5.20 14.41 -10.84
CA GLN A 31 4.04 14.30 -9.95
C GLN A 31 4.40 14.40 -8.46
N ILE A 32 5.44 13.71 -8.03
CA ILE A 32 5.78 13.71 -6.60
C ILE A 32 6.35 15.06 -6.16
N THR A 33 7.12 15.69 -7.03
CA THR A 33 7.75 16.96 -6.70
C THR A 33 6.64 18.02 -6.57
N THR A 34 5.63 17.93 -7.42
CA THR A 34 4.52 18.86 -7.40
C THR A 34 3.66 18.62 -6.17
N ALA A 35 3.42 17.36 -5.86
CA ALA A 35 2.59 16.99 -4.73
C ALA A 35 3.20 17.44 -3.41
N VAL A 36 4.50 17.21 -3.27
CA VAL A 36 5.22 17.58 -2.04
C VAL A 36 5.12 19.08 -1.80
N LYS A 37 5.30 19.86 -2.86
CA LYS A 37 5.17 21.30 -2.74
C LYS A 37 3.73 21.72 -2.44
N GLN A 38 2.77 21.11 -3.14
CA GLN A 38 1.37 21.44 -2.97
C GLN A 38 0.85 21.09 -1.58
N TYR A 39 1.41 20.04 -0.99
CA TYR A 39 0.97 19.55 0.31
C TYR A 39 1.82 20.10 1.44
N HIS A 40 2.77 20.98 1.11
CA HIS A 40 3.74 21.48 2.08
C HIS A 40 4.36 20.33 2.86
N ALA A 41 4.60 19.22 2.18
CA ALA A 41 5.05 18.00 2.84
C ALA A 41 6.53 18.05 3.19
N LYS A 42 6.91 17.31 4.21
CA LYS A 42 8.32 17.17 4.56
C LYS A 42 9.03 16.39 3.46
N SER A 43 8.41 15.32 3.00
CA SER A 43 8.93 14.56 1.86
C SER A 43 7.82 13.75 1.20
N GLY A 44 8.16 13.08 0.11
CA GLY A 44 7.21 12.22 -0.57
C GLY A 44 7.93 11.33 -1.54
N VAL A 45 7.30 10.20 -1.87
CA VAL A 45 7.91 9.23 -2.77
C VAL A 45 6.82 8.54 -3.59
N ILE A 46 7.11 8.27 -4.85
CA ILE A 46 6.26 7.44 -5.69
C ILE A 46 7.08 6.32 -6.31
N ALA A 47 6.56 5.11 -6.27
CA ALA A 47 7.22 3.98 -6.92
C ALA A 47 6.23 3.25 -7.81
N ILE A 48 6.73 2.77 -8.95
CA ILE A 48 5.95 1.95 -9.87
C ILE A 48 6.65 0.62 -10.04
N ALA A 49 5.89 -0.46 -10.09
CA ALA A 49 6.46 -1.79 -10.29
C ALA A 49 5.69 -2.54 -11.37
N ASP A 50 6.37 -3.48 -12.01
CA ASP A 50 5.77 -4.31 -13.05
C ASP A 50 5.08 -5.52 -12.42
N PRO A 51 3.76 -5.67 -12.67
CA PRO A 51 2.95 -6.75 -12.07
C PRO A 51 3.46 -8.17 -12.34
N GLN A 52 4.17 -8.39 -13.44
CA GLN A 52 4.63 -9.75 -13.79
C GLN A 52 5.89 -10.17 -13.04
N THR A 53 6.77 -9.21 -12.77
CA THR A 53 8.08 -9.51 -12.22
C THR A 53 8.29 -8.91 -10.84
N GLY A 54 7.54 -7.86 -10.53
CA GLY A 54 7.72 -7.14 -9.28
C GLY A 54 8.87 -6.16 -9.32
N ASN A 55 9.57 -6.08 -10.45
CA ASN A 55 10.67 -5.13 -10.61
C ASN A 55 10.18 -3.69 -10.51
N ILE A 56 10.95 -2.86 -9.81
CA ILE A 56 10.69 -1.43 -9.78
C ILE A 56 11.04 -0.85 -11.14
N ILE A 57 10.10 -0.15 -11.76
CA ILE A 57 10.36 0.46 -13.07
C ILE A 57 10.36 1.98 -13.00
N ALA A 58 10.02 2.53 -11.84
CA ALA A 58 10.18 3.96 -11.60
C ALA A 58 10.16 4.23 -10.10
N PHE A 59 10.95 5.22 -9.69
CA PHE A 59 11.10 5.56 -8.29
C PHE A 59 11.56 7.02 -8.22
N ALA A 60 10.76 7.87 -7.59
CA ALA A 60 11.17 9.26 -7.39
C ALA A 60 10.74 9.78 -6.03
N GLU A 61 11.58 10.63 -5.44
CA GLU A 61 11.26 11.26 -4.17
C GLU A 61 11.62 12.74 -4.19
N SER A 62 10.96 13.51 -3.34
CA SER A 62 11.22 14.93 -3.19
C SER A 62 11.14 15.29 -1.72
N SER A 63 12.13 16.05 -1.24
CA SER A 63 12.18 16.46 0.17
C SER A 63 12.45 17.95 0.28
N LYS A 64 11.74 18.62 1.18
CA LYS A 64 11.86 20.08 1.29
C LYS A 64 13.14 20.52 2.00
N ASN A 65 13.58 19.74 2.99
CA ASN A 65 14.77 20.11 3.74
C ASN A 65 15.91 19.09 3.64
N LYS A 66 16.92 19.27 4.49
CA LYS A 66 18.13 18.46 4.45
C LYS A 66 18.07 17.29 5.41
N GLY A 67 19.07 16.41 5.32
CA GLY A 67 19.29 15.39 6.33
C GLY A 67 18.38 14.18 6.32
N LEU A 68 17.31 14.23 5.54
CA LEU A 68 16.39 13.10 5.47
C LEU A 68 17.05 11.86 4.87
N GLU A 69 16.78 10.71 5.45
CA GLU A 69 17.16 9.45 4.83
C GLU A 69 16.32 9.25 3.59
N SER A 70 16.95 8.77 2.52
CA SER A 70 16.23 8.51 1.29
C SER A 70 15.17 7.43 1.49
N TRP A 71 14.04 7.57 0.79
CA TRP A 71 13.02 6.54 0.78
C TRP A 71 13.49 5.26 0.07
N LYS A 72 14.68 5.31 -0.53
CA LYS A 72 15.26 4.13 -1.13
C LYS A 72 15.58 3.09 -0.05
N SER A 73 15.84 3.57 1.17
CA SER A 73 16.21 2.67 2.26
C SER A 73 15.35 2.81 3.53
N ARG A 74 14.57 3.89 3.61
CA ARG A 74 13.82 4.21 4.82
C ARG A 74 12.82 3.13 5.26
N ILE A 75 12.83 2.82 6.55
CA ILE A 75 11.96 1.80 7.12
C ILE A 75 10.75 2.43 7.79
N PHE A 76 9.57 1.94 7.45
CA PHE A 76 8.35 2.50 8.00
C PHE A 76 7.29 1.43 8.23
N SER A 77 6.19 1.81 8.84
CA SER A 77 5.07 0.91 9.05
C SER A 77 4.05 1.11 7.94
N PRO A 78 3.45 0.02 7.45
CA PRO A 78 2.54 0.09 6.30
C PRO A 78 1.15 0.57 6.69
N GLY A 79 0.84 0.55 7.99
CA GLY A 79 -0.48 0.92 8.47
C GLY A 79 -1.55 0.07 7.79
N SER A 80 -2.67 0.70 7.47
CA SER A 80 -3.82 -0.03 6.91
C SER A 80 -3.60 -0.63 5.51
N THR A 81 -2.49 -0.33 4.85
CA THR A 81 -2.20 -1.00 3.57
C THR A 81 -1.88 -2.49 3.79
N ILE A 82 -1.72 -2.91 5.04
CA ILE A 82 -1.57 -4.33 5.37
C ILE A 82 -2.91 -5.08 5.29
N LYS A 83 -4.01 -4.34 5.47
CA LYS A 83 -5.33 -4.95 5.62
C LYS A 83 -5.75 -5.94 4.53
N PRO A 84 -5.49 -5.62 3.24
CA PRO A 84 -5.82 -6.60 2.19
C PRO A 84 -5.15 -7.96 2.39
N PHE A 85 -3.94 -7.97 2.93
CA PHE A 85 -3.20 -9.22 3.14
C PHE A 85 -3.72 -10.00 4.34
N ILE A 86 -4.13 -9.28 5.38
CA ILE A 86 -4.79 -9.90 6.52
C ILE A 86 -6.06 -10.60 6.03
N ALA A 87 -6.85 -9.88 5.24
CA ALA A 87 -8.08 -10.45 4.68
C ALA A 87 -7.80 -11.65 3.80
N ALA A 88 -6.77 -11.54 2.97
CA ALA A 88 -6.40 -12.62 2.05
C ALA A 88 -6.05 -13.89 2.81
N ALA A 89 -5.23 -13.73 3.84
CA ALA A 89 -4.82 -14.86 4.68
C ALA A 89 -6.03 -15.54 5.31
N ALA A 90 -6.97 -14.73 5.80
CA ALA A 90 -8.15 -15.26 6.48
C ALA A 90 -9.10 -15.95 5.52
N ILE A 91 -9.32 -15.33 4.37
CA ILE A 91 -10.20 -15.87 3.33
C ILE A 91 -9.62 -17.16 2.75
N ASN A 92 -8.30 -17.21 2.60
CA ASN A 92 -7.66 -18.32 1.92
C ASN A 92 -7.59 -19.59 2.77
N SER A 93 -7.62 -19.44 4.08
CA SER A 93 -7.49 -20.57 5.01
C SER A 93 -8.81 -21.28 5.29
N ALA A 125 -22.09 -4.78 6.95
CA ALA A 125 -20.96 -4.91 7.85
C ALA A 125 -20.10 -6.13 7.48
N SER A 126 -19.88 -6.32 6.19
CA SER A 126 -19.11 -7.45 5.68
C SER A 126 -17.61 -7.17 5.66
N LEU A 127 -16.83 -8.19 5.34
CA LEU A 127 -15.38 -8.02 5.27
C LEU A 127 -15.04 -7.02 4.17
N ALA A 128 -15.79 -7.07 3.08
CA ALA A 128 -15.59 -6.14 1.97
C ALA A 128 -15.81 -4.70 2.42
N ASP A 129 -16.84 -4.50 3.25
CA ASP A 129 -17.16 -3.18 3.77
C ASP A 129 -16.04 -2.69 4.70
N ALA A 130 -15.50 -3.62 5.48
CA ALA A 130 -14.44 -3.29 6.44
C ALA A 130 -13.15 -2.89 5.74
N ILE A 131 -12.85 -3.52 4.61
CA ILE A 131 -11.71 -3.11 3.79
C ILE A 131 -11.96 -1.75 3.15
N ALA A 132 -13.14 -1.57 2.57
CA ALA A 132 -13.51 -0.33 1.87
C ALA A 132 -13.48 0.88 2.79
N LYS A 133 -14.05 0.76 3.98
CA LYS A 133 -14.09 1.86 4.93
C LYS A 133 -12.90 1.83 5.87
N SER A 134 -12.09 0.78 5.76
CA SER A 134 -10.89 0.61 6.58
C SER A 134 -11.23 0.57 8.07
N ILE A 135 -12.10 -0.36 8.43
CA ILE A 135 -12.58 -0.48 9.81
C ILE A 135 -11.65 -1.33 10.66
N ASN A 136 -10.92 -0.67 11.56
CA ASN A 136 -9.87 -1.30 12.36
C ASN A 136 -10.34 -2.48 13.21
N VAL A 137 -11.40 -2.27 14.00
CA VAL A 137 -11.88 -3.30 14.91
C VAL A 137 -12.23 -4.59 14.17
N CYS A 138 -12.83 -4.46 12.98
CA CYS A 138 -13.20 -5.63 12.20
C CYS A 138 -12.00 -6.41 11.68
N LEU A 139 -11.03 -5.71 11.10
CA LEU A 139 -9.84 -6.38 10.59
C LEU A 139 -9.03 -7.01 11.72
N ILE A 140 -9.02 -6.36 12.88
CA ILE A 140 -8.33 -6.92 14.03
C ILE A 140 -8.99 -8.23 14.45
N ARG A 141 -10.31 -8.24 14.50
CA ARG A 141 -11.06 -9.44 14.83
C ARG A 141 -10.77 -10.54 13.81
N VAL A 142 -10.75 -10.16 12.54
CA VAL A 142 -10.42 -11.10 11.48
C VAL A 142 -9.05 -11.73 11.72
N SER A 143 -8.06 -10.88 12.03
CA SER A 143 -6.71 -11.34 12.31
C SER A 143 -6.65 -12.26 13.52
N GLN A 144 -7.30 -11.87 14.61
CA GLN A 144 -7.27 -12.66 15.83
C GLN A 144 -7.96 -14.01 15.67
N GLU A 145 -9.04 -14.04 14.91
CA GLU A 145 -9.76 -15.29 14.69
C GLU A 145 -9.01 -16.23 13.73
N ALA A 146 -8.21 -15.65 12.83
CA ALA A 146 -7.41 -16.45 11.90
C ALA A 146 -6.31 -17.19 12.64
N GLY A 147 -5.69 -16.51 13.60
CA GLY A 147 -4.69 -17.13 14.44
C GLY A 147 -3.27 -16.81 14.03
N VAL A 148 -2.36 -16.91 14.98
CA VAL A 148 -0.95 -16.59 14.75
C VAL A 148 -0.27 -17.40 13.64
N PRO A 149 -0.45 -18.74 13.61
CA PRO A 149 0.20 -19.49 12.53
C PRO A 149 -0.27 -19.06 11.14
N VAL A 150 -1.58 -18.88 10.97
CA VAL A 150 -2.14 -18.52 9.68
C VAL A 150 -1.64 -17.15 9.23
N ILE A 151 -1.74 -16.16 10.12
CA ILE A 151 -1.39 -14.79 9.78
C ILE A 151 0.12 -14.60 9.57
N ARG A 152 0.94 -15.11 10.49
CA ARG A 152 2.39 -14.95 10.37
C ARG A 152 2.94 -15.63 9.11
N LYS A 153 2.50 -16.87 8.86
CA LYS A 153 2.98 -17.63 7.71
C LYS A 153 2.56 -16.99 6.39
N LYS A 154 1.29 -16.67 6.26
CA LYS A 154 0.78 -16.13 5.00
C LYS A 154 1.33 -14.74 4.70
N LEU A 155 1.44 -13.90 5.73
CA LEU A 155 2.01 -12.56 5.50
C LEU A 155 3.49 -12.62 5.18
N THR A 156 4.19 -13.60 5.75
CA THR A 156 5.59 -13.82 5.44
C THR A 156 5.73 -14.20 3.97
N GLU A 157 4.84 -15.07 3.51
CA GLU A 157 4.81 -15.47 2.11
C GLU A 157 4.52 -14.30 1.16
N PHE A 158 3.82 -13.29 1.65
CA PHE A 158 3.56 -12.08 0.85
C PHE A 158 4.75 -11.11 0.85
N GLY A 159 5.80 -11.45 1.60
CA GLY A 159 7.00 -10.62 1.63
C GLY A 159 7.09 -9.72 2.84
N PHE A 160 6.23 -9.93 3.82
CA PHE A 160 6.27 -9.13 5.04
C PHE A 160 7.16 -9.75 6.12
N ASP A 161 7.91 -8.88 6.81
CA ASP A 161 8.71 -9.29 7.96
C ASP A 161 7.81 -9.49 9.17
N MSE A 162 7.55 -10.74 9.53
CA MSE A 162 6.76 -11.04 10.72
C MSE A 162 7.66 -11.57 11.82
O MSE A 162 7.22 -12.32 12.69
CB MSE A 162 5.67 -12.06 10.37
CG MSE A 162 4.85 -11.66 9.16
SE MSE A 162 3.86 -9.99 9.45
CE MSE A 162 2.49 -10.69 10.66
N ASN A 163 8.93 -11.16 11.79
CA ASN A 163 9.90 -11.65 12.77
C ASN A 163 10.57 -10.56 13.59
N SER A 164 11.04 -9.49 12.94
CA SER A 164 11.76 -8.42 13.61
C SER A 164 10.99 -7.87 14.79
N TRP A 165 9.88 -7.21 14.50
CA TRP A 165 9.07 -6.58 15.52
C TRP A 165 8.04 -7.57 16.07
N TRP A 166 8.52 -8.57 16.81
CA TRP A 166 7.64 -9.59 17.39
C TRP A 166 8.17 -10.09 18.75
N GLN A 167 7.30 -10.06 19.76
CA GLN A 167 7.67 -10.46 21.10
C GLN A 167 7.17 -11.86 21.46
N ALA A 168 8.03 -12.65 22.10
CA ALA A 168 7.71 -14.03 22.43
C ALA A 168 6.66 -14.16 23.54
N ASP A 169 6.80 -13.38 24.61
CA ASP A 169 5.90 -13.52 25.74
C ASP A 169 4.81 -12.45 25.77
N GLN A 170 4.61 -11.78 24.65
CA GLN A 170 3.49 -10.84 24.50
C GLN A 170 2.27 -11.60 23.99
N SER A 171 1.09 -11.18 24.42
CA SER A 171 -0.16 -11.80 24.01
C SER A 171 -0.24 -12.02 22.50
N ASP A 172 -0.65 -13.21 22.09
CA ASP A 172 -0.84 -13.51 20.67
C ASP A 172 -1.89 -12.59 20.08
N ASP A 173 -2.96 -12.37 20.83
CA ASP A 173 -4.05 -11.56 20.31
C ASP A 173 -3.69 -10.10 20.20
N LEU A 174 -2.86 -9.62 21.13
CA LEU A 174 -2.42 -8.24 21.07
C LEU A 174 -1.55 -8.03 19.83
N GLN A 175 -0.68 -9.00 19.55
CA GLN A 175 0.22 -8.90 18.41
C GLN A 175 -0.50 -9.10 17.07
N LEU A 176 -1.54 -9.92 17.06
CA LEU A 176 -2.39 -10.03 15.87
C LEU A 176 -3.16 -8.73 15.64
N ALA A 177 -3.49 -8.05 16.73
CA ALA A 177 -4.16 -6.76 16.63
C ALA A 177 -3.21 -5.74 16.00
N MSE A 178 -1.97 -5.76 16.44
CA MSE A 178 -0.95 -4.86 15.91
C MSE A 178 -0.69 -5.17 14.44
O MSE A 178 -0.49 -4.26 13.63
CB MSE A 178 0.35 -4.97 16.70
CG MSE A 178 0.23 -4.49 18.14
SE MSE A 178 1.89 -4.75 19.13
CE MSE A 178 2.99 -3.39 18.26
N ALA A 179 -0.69 -6.45 14.09
CA ALA A 179 -0.51 -6.88 12.71
C ALA A 179 -1.59 -6.32 11.81
N ALA A 180 -2.84 -6.39 12.27
CA ALA A 180 -3.98 -5.92 11.47
C ALA A 180 -3.92 -4.41 11.26
N LEU A 181 -3.28 -3.72 12.19
CA LEU A 181 -3.10 -2.28 12.07
C LEU A 181 -1.82 -1.92 11.32
N GLY A 182 -1.02 -2.92 11.03
CA GLY A 182 0.25 -2.70 10.35
C GLY A 182 1.19 -1.93 11.25
N GLU A 183 1.05 -2.15 12.55
CA GLU A 183 1.82 -1.43 13.56
C GLU A 183 3.19 -2.08 13.83
N ASN A 184 3.22 -3.40 13.96
CA ASN A 184 4.47 -4.09 14.28
C ASN A 184 5.16 -4.73 13.07
N ILE A 185 5.12 -4.05 11.93
CA ILE A 185 5.67 -4.60 10.70
C ILE A 185 6.52 -3.58 9.96
N PRO A 186 7.85 -3.82 9.91
CA PRO A 186 8.76 -2.94 9.17
C PRO A 186 8.70 -3.22 7.66
N VAL A 187 8.42 -2.19 6.87
CA VAL A 187 8.47 -2.30 5.42
C VAL A 187 9.34 -1.20 4.82
N THR A 188 9.71 -1.38 3.56
CA THR A 188 10.30 -0.31 2.78
C THR A 188 9.38 -0.08 1.60
N ILE A 189 9.63 0.98 0.83
CA ILE A 189 8.84 1.24 -0.37
C ILE A 189 8.93 0.03 -1.29
N GLU A 190 10.15 -0.47 -1.47
CA GLU A 190 10.40 -1.64 -2.32
C GLU A 190 9.67 -2.91 -1.87
N SER A 191 9.72 -3.22 -0.58
CA SER A 191 9.12 -4.46 -0.11
C SER A 191 7.59 -4.36 -0.15
N LEU A 192 7.07 -3.18 0.17
CA LEU A 192 5.62 -2.99 0.20
C LEU A 192 5.00 -3.08 -1.19
N ILE A 193 5.61 -2.42 -2.17
CA ILE A 193 5.07 -2.44 -3.52
C ILE A 193 5.20 -3.84 -4.14
N LYS A 194 6.23 -4.58 -3.72
CA LYS A 194 6.40 -5.94 -4.21
C LYS A 194 5.31 -6.86 -3.66
N SER A 195 4.89 -6.59 -2.43
CA SER A 195 3.78 -7.35 -1.84
C SER A 195 2.49 -7.07 -2.61
N TYR A 196 2.25 -5.80 -2.95
CA TYR A 196 1.08 -5.48 -3.77
C TYR A 196 1.20 -6.05 -5.19
N ALA A 197 2.43 -6.18 -5.68
CA ALA A 197 2.65 -6.77 -6.99
C ALA A 197 2.15 -8.21 -7.04
N ILE A 198 2.23 -8.89 -5.90
CA ILE A 198 1.74 -10.27 -5.82
C ILE A 198 0.23 -10.33 -6.07
N LEU A 199 -0.50 -9.40 -5.45
CA LEU A 199 -1.94 -9.31 -5.66
C LEU A 199 -2.27 -8.96 -7.10
N ALA A 200 -1.47 -8.07 -7.69
CA ALA A 200 -1.66 -7.67 -9.07
C ALA A 200 -1.32 -8.82 -10.02
N ASN A 201 -0.50 -9.75 -9.55
CA ASN A 201 -0.04 -10.86 -10.37
C ASN A 201 -0.92 -12.09 -10.16
N LYS A 202 -2.20 -11.85 -9.87
CA LYS A 202 -3.18 -12.90 -9.63
C LYS A 202 -2.81 -13.80 -8.44
N GLY A 203 -2.23 -13.18 -7.41
CA GLY A 203 -1.89 -13.90 -6.19
C GLY A 203 -0.74 -14.86 -6.36
N HIS A 204 0.03 -14.69 -7.43
CA HIS A 204 1.23 -15.48 -7.68
C HIS A 204 2.48 -14.68 -7.33
N SER A 205 3.47 -15.35 -6.77
CA SER A 205 4.72 -14.68 -6.44
C SER A 205 5.86 -15.05 -7.37
N PHE A 206 6.19 -14.11 -8.25
CA PHE A 206 7.37 -14.13 -9.10
C PHE A 206 8.62 -14.63 -8.39
N ASP A 207 8.94 -14.02 -7.25
CA ASP A 207 10.14 -14.34 -6.47
C ASP A 207 10.17 -15.79 -5.99
N ARG A 208 9.00 -16.43 -5.98
CA ARG A 208 8.90 -17.84 -5.64
C ARG A 208 8.59 -18.69 -6.86
N GLY A 209 9.19 -18.34 -7.99
CA GLY A 209 9.00 -19.07 -9.23
C GLY A 209 7.56 -19.05 -9.72
N ASN A 210 6.90 -17.93 -9.49
CA ASN A 210 5.49 -17.75 -9.83
C ASN A 210 4.58 -18.79 -9.17
N SER A 211 4.80 -19.02 -7.88
CA SER A 211 3.95 -19.90 -7.09
C SER A 211 2.72 -19.14 -6.62
N ALA A 212 1.59 -19.84 -6.54
CA ALA A 212 0.36 -19.24 -6.02
C ALA A 212 0.45 -19.07 -4.51
N ILE A 213 0.44 -17.81 -4.05
CA ILE A 213 0.44 -17.52 -2.63
C ILE A 213 -0.96 -17.68 -2.06
N ILE A 214 -1.96 -17.24 -2.82
CA ILE A 214 -3.35 -17.48 -2.47
C ILE A 214 -4.12 -18.06 -3.65
N SER A 215 -5.25 -18.69 -3.38
CA SER A 215 -6.05 -19.33 -4.42
C SER A 215 -6.62 -18.33 -5.41
N GLU A 216 -7.14 -18.83 -6.53
CA GLU A 216 -7.77 -17.97 -7.53
C GLU A 216 -9.00 -17.30 -6.96
N THR A 217 -9.79 -18.08 -6.21
CA THR A 217 -10.98 -17.56 -5.56
C THR A 217 -10.62 -16.42 -4.62
N SER A 218 -9.62 -16.66 -3.79
CA SER A 218 -9.15 -15.65 -2.84
C SER A 218 -8.70 -14.40 -3.58
N THR A 219 -7.97 -14.60 -4.67
CA THR A 219 -7.46 -13.48 -5.45
C THR A 219 -8.61 -12.67 -6.05
N ASN A 220 -9.60 -13.35 -6.61
CA ASN A 220 -10.76 -12.67 -7.17
C ASN A 220 -11.50 -11.85 -6.12
N SER A 221 -11.72 -12.43 -4.94
CA SER A 221 -12.37 -11.71 -3.84
C SER A 221 -11.57 -10.48 -3.42
N ILE A 222 -10.27 -10.66 -3.24
CA ILE A 222 -9.43 -9.56 -2.78
C ILE A 222 -9.43 -8.42 -3.78
N ASN A 223 -9.27 -8.76 -5.06
CA ASN A 223 -9.29 -7.75 -6.10
C ASN A 223 -10.62 -7.00 -6.12
N HIS A 224 -11.73 -7.74 -5.96
CA HIS A 224 -13.04 -7.11 -5.90
C HIS A 224 -13.13 -6.15 -4.70
N MSE A 225 -12.57 -6.57 -3.58
CA MSE A 225 -12.57 -5.73 -2.37
C MSE A 225 -11.74 -4.47 -2.56
O MSE A 225 -12.10 -3.40 -2.08
CB MSE A 225 -12.04 -6.53 -1.18
CG MSE A 225 -13.02 -7.59 -0.67
SE MSE A 225 -12.41 -8.44 0.98
CE MSE A 225 -13.94 -9.61 1.30
N LEU A 226 -10.61 -4.60 -3.27
CA LEU A 226 -9.76 -3.45 -3.53
C LEU A 226 -10.36 -2.48 -4.56
N GLU A 227 -11.11 -3.01 -5.52
CA GLU A 227 -11.84 -2.16 -6.47
C GLU A 227 -12.95 -1.41 -5.74
N ASN A 228 -13.63 -2.12 -4.86
CA ASN A 228 -14.72 -1.55 -4.08
C ASN A 228 -14.22 -0.53 -3.08
N ALA A 229 -13.03 -0.75 -2.55
CA ALA A 229 -12.40 0.22 -1.64
C ALA A 229 -12.14 1.55 -2.34
N VAL A 230 -11.99 1.52 -3.66
CA VAL A 230 -11.76 2.73 -4.44
C VAL A 230 -13.07 3.38 -4.89
N THR A 231 -13.94 2.60 -5.51
CA THR A 231 -15.19 3.18 -6.02
C THR A 231 -16.14 3.57 -4.90
N ASN A 232 -16.10 2.84 -3.79
CA ASN A 232 -17.06 3.06 -2.71
C ASN A 232 -16.46 3.11 -1.31
N GLY A 233 -15.22 3.58 -1.21
CA GLY A 233 -14.55 3.62 0.08
C GLY A 233 -13.60 4.80 0.22
N THR A 234 -12.61 4.65 1.08
CA THR A 234 -11.65 5.71 1.37
C THR A 234 -10.78 6.07 0.17
N GLY A 235 -10.72 5.19 -0.83
CA GLY A 235 -9.89 5.44 -2.00
C GLY A 235 -10.62 6.10 -3.15
N LYS A 236 -11.70 6.81 -2.85
CA LYS A 236 -12.57 7.39 -3.87
C LYS A 236 -11.88 8.37 -4.81
N LEU A 237 -10.89 9.09 -4.30
CA LEU A 237 -10.17 10.08 -5.11
C LEU A 237 -9.24 9.43 -6.14
N ALA A 238 -9.16 8.10 -6.12
CA ALA A 238 -8.36 7.38 -7.10
C ALA A 238 -9.20 6.87 -8.27
N VAL A 239 -10.50 7.16 -8.25
CA VAL A 239 -11.41 6.68 -9.30
C VAL A 239 -11.06 7.25 -10.67
N ILE A 240 -11.00 6.39 -11.68
CA ILE A 240 -10.83 6.82 -13.06
C ILE A 240 -11.94 6.24 -13.92
N PRO A 241 -12.84 7.10 -14.42
CA PRO A 241 -13.95 6.65 -15.27
C PRO A 241 -13.48 5.78 -16.42
N GLY A 242 -14.02 4.57 -16.50
CA GLY A 242 -13.73 3.66 -17.59
C GLY A 242 -12.50 2.80 -17.35
N VAL A 243 -11.86 3.00 -16.20
CA VAL A 243 -10.68 2.22 -15.84
C VAL A 243 -10.80 1.72 -14.40
N SER A 244 -10.91 0.42 -14.22
CA SER A 244 -11.06 -0.14 -12.88
C SER A 244 -9.76 0.00 -12.09
N VAL A 245 -9.85 0.58 -10.90
CA VAL A 245 -8.69 0.81 -10.07
C VAL A 245 -8.82 0.04 -8.76
N ALA A 246 -7.76 -0.68 -8.41
CA ALA A 246 -7.72 -1.40 -7.14
C ALA A 246 -6.69 -0.71 -6.24
N GLY A 247 -7.06 -0.41 -5.01
CA GLY A 247 -6.14 0.23 -4.10
C GLY A 247 -6.58 0.33 -2.66
N LYS A 248 -5.62 0.62 -1.79
CA LYS A 248 -5.87 0.70 -0.36
C LYS A 248 -5.15 1.90 0.26
N THR A 249 -5.90 2.69 1.00
CA THR A 249 -5.36 3.84 1.70
C THR A 249 -4.67 3.43 2.99
N GLY A 250 -3.73 4.26 3.43
CA GLY A 250 -3.15 4.12 4.75
C GLY A 250 -2.79 5.49 5.32
N THR A 251 -2.93 5.62 6.63
CA THR A 251 -2.50 6.82 7.34
C THR A 251 -1.76 6.39 8.61
N VAL A 252 -0.47 6.69 8.67
CA VAL A 252 0.35 6.25 9.80
C VAL A 252 0.78 7.45 10.65
N ILE A 253 0.63 7.31 11.97
CA ILE A 253 1.15 8.30 12.90
C ILE A 253 2.50 7.85 13.42
N GLU A 254 3.57 8.58 13.08
CA GLU A 254 4.87 8.30 13.66
C GLU A 254 5.00 9.03 15.00
N ASN A 255 6.23 9.38 15.38
CA ASN A 255 6.46 10.03 16.67
C ASN A 255 5.72 11.36 16.82
N ASN A 256 5.18 11.59 18.01
CA ASN A 256 4.42 12.80 18.32
C ASN A 256 3.21 13.02 17.40
N ASP A 257 3.40 13.85 16.38
CA ASP A 257 2.33 14.15 15.43
C ASP A 257 2.87 14.16 14.00
N LYS A 258 3.52 13.07 13.62
CA LYS A 258 4.13 12.96 12.29
C LYS A 258 3.34 11.98 11.42
N TYR A 259 2.74 12.50 10.35
CA TYR A 259 1.85 11.71 9.51
C TYR A 259 2.48 11.18 8.23
N LEU A 260 2.29 9.89 7.98
CA LEU A 260 2.54 9.33 6.65
C LEU A 260 1.19 9.07 6.01
N ALA A 261 1.01 9.58 4.80
CA ALA A 261 -0.20 9.32 4.03
C ALA A 261 0.13 8.39 2.86
N LEU A 262 -0.53 7.25 2.81
CA LEU A 262 -0.16 6.20 1.88
C LEU A 262 -1.30 5.79 0.97
N PHE A 263 -0.96 5.40 -0.26
CA PHE A 263 -1.91 4.72 -1.12
C PHE A 263 -1.19 3.73 -2.02
N ALA A 264 -1.64 2.48 -1.96
CA ALA A 264 -1.02 1.41 -2.72
C ALA A 264 -2.07 0.75 -3.58
N GLY A 265 -1.73 0.47 -4.84
CA GLY A 265 -2.70 -0.13 -5.73
C GLY A 265 -2.14 -0.57 -7.06
N TYR A 266 -3.03 -0.92 -7.97
CA TYR A 266 -2.62 -1.37 -9.29
C TYR A 266 -3.73 -1.13 -10.31
N VAL A 267 -3.35 -1.06 -11.59
CA VAL A 267 -4.27 -0.58 -12.62
C VAL A 267 -3.83 -1.09 -14.00
N PRO A 268 -4.80 -1.47 -14.86
CA PRO A 268 -6.22 -1.66 -14.59
C PRO A 268 -6.42 -2.87 -13.69
N ALA A 269 -7.44 -2.87 -12.84
CA ALA A 269 -7.61 -3.95 -11.86
C ALA A 269 -7.80 -5.31 -12.54
N ASP A 270 -8.55 -5.34 -13.63
CA ASP A 270 -8.90 -6.57 -14.31
C ASP A 270 -7.73 -7.24 -15.03
N ASN A 271 -6.72 -6.44 -15.38
CA ASN A 271 -5.51 -6.96 -16.01
C ASN A 271 -4.38 -5.97 -15.83
N PRO A 272 -3.79 -5.94 -14.64
CA PRO A 272 -2.86 -4.90 -14.19
C PRO A 272 -1.71 -4.63 -15.14
N ARG A 273 -1.41 -3.36 -15.33
CA ARG A 273 -0.28 -2.95 -16.14
C ARG A 273 0.79 -2.33 -15.24
N TYR A 274 0.34 -1.68 -14.16
CA TYR A 274 1.27 -1.01 -13.25
C TYR A 274 0.86 -1.23 -11.80
N VAL A 275 1.85 -1.38 -10.94
CA VAL A 275 1.62 -1.35 -9.51
C VAL A 275 2.19 -0.02 -9.03
N LEU A 276 1.45 0.69 -8.20
CA LEU A 276 1.88 2.00 -7.74
C LEU A 276 1.79 2.10 -6.23
N LEU A 277 2.73 2.83 -5.64
CA LEU A 277 2.73 3.14 -4.22
C LEU A 277 3.10 4.61 -4.06
N VAL A 278 2.27 5.34 -3.33
CA VAL A 278 2.52 6.75 -3.07
C VAL A 278 2.57 6.97 -1.57
N VAL A 279 3.61 7.64 -1.09
CA VAL A 279 3.71 7.99 0.31
C VAL A 279 4.09 9.45 0.46
N ILE A 280 3.29 10.18 1.23
CA ILE A 280 3.54 11.59 1.50
C ILE A 280 3.84 11.71 2.99
N GLU A 281 4.85 12.49 3.34
CA GLU A 281 5.22 12.64 4.75
C GLU A 281 4.95 14.05 5.28
N GLU A 282 4.10 14.11 6.30
CA GLU A 282 3.72 15.37 6.93
C GLU A 282 3.12 16.35 5.93
N GLY A 283 2.31 15.83 5.02
CA GLY A 283 1.60 16.69 4.09
C GLY A 283 0.24 17.09 4.63
N TYR A 284 -0.32 18.15 4.07
CA TYR A 284 -1.68 18.56 4.40
C TYR A 284 -2.22 19.45 3.30
N PHE A 285 -3.55 19.49 3.18
CA PHE A 285 -4.21 20.34 2.21
C PHE A 285 -5.48 20.91 2.82
N SER A 286 -5.70 22.20 2.61
CA SER A 286 -6.88 22.85 3.17
C SER A 286 -8.03 22.97 2.18
N LYS A 287 -9.14 22.32 2.49
CA LYS A 287 -10.40 22.58 1.79
C LYS A 287 -11.31 23.30 2.76
N ASN A 288 -11.60 24.57 2.46
CA ASN A 288 -12.16 25.53 3.42
C ASN A 288 -11.61 25.40 4.85
N GLY A 289 -12.42 24.88 5.76
CA GLY A 289 -12.00 24.73 7.15
C GLY A 289 -11.27 23.43 7.41
N LYS A 290 -11.56 22.42 6.60
CA LYS A 290 -11.00 21.08 6.81
C LYS A 290 -9.52 21.03 6.45
N THR A 291 -8.71 20.52 7.39
CA THR A 291 -7.31 20.23 7.10
C THR A 291 -7.16 18.73 6.83
N LEU A 292 -6.96 18.39 5.56
CA LEU A 292 -6.89 17.00 5.13
C LEU A 292 -5.47 16.43 5.20
N VAL A 293 -5.33 15.25 5.81
CA VAL A 293 -4.02 14.66 6.06
C VAL A 293 -3.92 13.17 5.75
N SER A 294 -5.02 12.55 5.38
CA SER A 294 -5.07 11.09 5.25
C SER A 294 -4.56 10.59 3.90
N GLY A 295 -4.35 9.28 3.82
CA GLY A 295 -3.90 8.64 2.58
C GLY A 295 -4.91 8.79 1.45
N GLY A 296 -6.19 8.71 1.79
CA GLY A 296 -7.24 8.84 0.80
C GLY A 296 -7.34 10.24 0.24
N GLU A 297 -7.02 11.21 1.08
CA GLU A 297 -7.13 12.62 0.73
C GLU A 297 -5.88 13.14 0.02
N LEU A 298 -4.71 12.63 0.41
CA LEU A 298 -3.44 13.13 -0.14
C LEU A 298 -2.80 12.20 -1.18
N ALA A 299 -2.64 10.93 -0.82
CA ALA A 299 -1.88 9.99 -1.64
C ALA A 299 -2.70 9.45 -2.81
N ALA A 300 -3.99 9.23 -2.57
CA ALA A 300 -4.87 8.69 -3.61
C ALA A 300 -5.01 9.57 -4.86
N PRO A 301 -5.20 10.91 -4.68
CA PRO A 301 -5.28 11.69 -5.91
C PRO A 301 -3.96 11.72 -6.68
N VAL A 302 -2.83 11.60 -5.97
CA VAL A 302 -1.53 11.55 -6.62
C VAL A 302 -1.40 10.28 -7.45
N PHE A 303 -1.80 9.15 -6.85
CA PHE A 303 -1.91 7.86 -7.53
C PHE A 303 -2.70 8.02 -8.84
N ARG A 304 -3.85 8.68 -8.73
CA ARG A 304 -4.73 8.89 -9.89
C ARG A 304 -4.03 9.62 -11.03
N ASN A 305 -3.32 10.69 -10.71
CA ASN A 305 -2.65 11.49 -11.74
C ASN A 305 -1.55 10.70 -12.44
N VAL A 306 -0.77 9.94 -11.68
CA VAL A 306 0.28 9.12 -12.27
C VAL A 306 -0.33 8.04 -13.15
N ALA A 307 -1.36 7.39 -12.63
CA ALA A 307 -2.07 6.34 -13.36
C ALA A 307 -2.64 6.84 -14.70
N MSE A 308 -3.23 8.03 -14.69
CA MSE A 308 -3.78 8.58 -15.92
C MSE A 308 -2.67 8.91 -16.92
O MSE A 308 -2.84 8.70 -18.12
CB MSE A 308 -4.67 9.79 -15.65
CG MSE A 308 -6.04 9.39 -15.13
SE MSE A 308 -7.14 10.88 -14.57
CE MSE A 308 -7.26 11.83 -16.29
N ASP A 309 -1.55 9.41 -16.42
CA ASP A 309 -0.38 9.67 -17.27
C ASP A 309 0.18 8.38 -17.86
N ALA A 310 0.29 7.36 -17.03
CA ALA A 310 0.89 6.09 -17.44
C ALA A 310 0.05 5.41 -18.51
N LEU A 311 -1.26 5.46 -18.34
CA LEU A 311 -2.18 4.89 -19.32
C LEU A 311 -2.36 5.85 -20.51
N SER A 312 -1.46 6.83 -20.60
CA SER A 312 -1.50 7.89 -21.63
C SER A 312 -2.74 8.77 -21.55
C3' NHE B . -6.91 10.86 9.73
C2' NHE B . -7.83 9.86 9.03
C1' NHE B . -7.30 8.43 9.19
C6' NHE B . -7.26 8.02 10.66
N NHE B . -8.17 7.51 8.45
C1 NHE B . -7.53 6.18 8.42
C2 NHE B . -8.06 5.39 7.24
S NHE B . -6.77 4.79 6.37
O1 NHE B . -5.83 4.19 7.26
O2 NHE B . -7.35 3.67 5.34
O3 NHE B . -6.16 5.88 5.66
C5' NHE B . -7.32 9.23 11.60
C4' NHE B . -6.44 10.36 11.09
#